data_1IO4
#
_entry.id   1IO4
#
_cell.length_a   121.108
_cell.length_b   163.600
_cell.length_c   109.326
_cell.angle_alpha   90.00
_cell.angle_beta   90.00
_cell.angle_gamma   90.00
#
_symmetry.space_group_name_H-M   'C 2 2 21'
#
loop_
_entity.id
_entity.type
_entity.pdbx_description
1 polymer 'CSF-1R PROMOTER'
2 polymer 'CSF-1R PROMOTER'
3 polymer 'CAAT/ENHANCER BINDING PROTEIN BETA'
4 polymer 'RUNT-RELATED TRANSCRIPTION FACTOR 1'
5 polymer 'CORE-BINDING FACTOR, BETA SUBUNIT'
6 non-polymer 'GOLD ION'
7 water water
#
loop_
_entity_poly.entity_id
_entity_poly.type
_entity_poly.pdbx_seq_one_letter_code
_entity_poly.pdbx_strand_id
1 'polydeoxyribonucleotide'
;(DG)(DA)(DA)(DG)(DA)(DT)(DT)(DT)(DC)(DC)(DA)(DA)(DA)(DC)(DT)(DC)(DT)(DG)(DT)(DG)
(DG)(DT)(DT)(DG)(DC)(DG)
;
E
2 'polydeoxyribonucleotide'
;(DC)(DC)(DG)(DC)(DA)(DA)(DC)(DC)(DA)(DC)(DA)(DG)(DA)(DG)(DT)(DT)(DT)(DG)(DG)(DA)
(DA)(DA)(DT)(DC)(DT)(DT)
;
F
3 'polypeptide(L)' VKSKAKKTVDKHSDEYKIRRERNNIAVRKSRDKAKMRNLETQHKVLELTAENERLQKKVEQLSRELSTLRNLFKQLPE A,B
4 'polypeptide(L)'
;GELVRTDSPNFLCSVLPTHWRCNKTLPIAFKVVALGDVPDGTLVTVMAGNDENYSAELRNATAAMKNQVARFNDLRFVGR
SGRGKSFTLTITVFTNPPQVATYHRAIKITVDGPREPRRHRQK
;
C
5 'polypeptide(L)'
;MPRVVPDQRSKFENEEFFRKLSRECEIKYTGFRDRPHEERQTRFQNACRDGRSEIAFVATGTNLSLQFFPASWQGEQRQT
PSREYVDLEREAGKVYLKAPMILNGVCVIWKGWIDLHRLDGMGCLEFDEERAQQEDALAQQ
;
D
#
loop_
_chem_comp.id
_chem_comp.type
_chem_comp.name
_chem_comp.formula
AU non-polymer 'GOLD ION' 'Au 1'
DA DNA linking 2'-DEOXYADENOSINE-5'-MONOPHOSPHATE 'C10 H14 N5 O6 P'
DC DNA linking 2'-DEOXYCYTIDINE-5'-MONOPHOSPHATE 'C9 H14 N3 O7 P'
DG DNA linking 2'-DEOXYGUANOSINE-5'-MONOPHOSPHATE 'C10 H14 N5 O7 P'
DT DNA linking THYMIDINE-5'-MONOPHOSPHATE 'C10 H15 N2 O8 P'
#
# COMPACT_ATOMS: atom_id res chain seq x y z
N LYS C 11 -28.62 42.18 17.32
CA LYS C 11 -27.40 41.51 16.79
C LYS C 11 -26.63 40.84 17.92
N HIS C 12 -26.97 41.20 19.14
CA HIS C 12 -26.31 40.64 20.31
C HIS C 12 -27.38 40.25 21.31
N SER C 13 -28.63 40.54 20.98
CA SER C 13 -29.75 40.23 21.86
C SER C 13 -29.61 38.86 22.53
N ASP C 14 -30.25 38.72 23.68
CA ASP C 14 -30.22 37.48 24.43
C ASP C 14 -30.81 36.38 23.57
N GLU C 15 -31.84 36.75 22.82
CA GLU C 15 -32.54 35.82 21.94
C GLU C 15 -31.64 35.28 20.84
N TYR C 16 -30.72 36.11 20.36
CA TYR C 16 -29.80 35.71 19.30
C TYR C 16 -28.84 34.64 19.80
N LYS C 17 -28.22 34.90 20.95
CA LYS C 17 -27.29 33.97 21.55
C LYS C 17 -27.87 32.57 21.51
N ILE C 18 -29.19 32.49 21.67
CA ILE C 18 -29.90 31.22 21.67
C ILE C 18 -30.50 30.87 20.32
N ARG C 19 -31.43 31.68 19.84
CA ARG C 19 -32.10 31.43 18.57
C ARG C 19 -31.15 30.92 17.50
N ARG C 20 -30.04 31.63 17.31
CA ARG C 20 -29.04 31.26 16.32
C ARG C 20 -28.41 29.89 16.60
N GLU C 21 -27.72 29.76 17.73
CA GLU C 21 -27.10 28.49 18.05
C GLU C 21 -28.13 27.39 18.13
N ARG C 22 -29.39 27.77 18.34
CA ARG C 22 -30.48 26.81 18.40
C ARG C 22 -30.62 26.13 17.04
N ASN C 23 -30.73 26.97 16.00
CA ASN C 23 -30.87 26.51 14.63
C ASN C 23 -29.67 25.64 14.27
N ASN C 24 -28.47 26.18 14.46
CA ASN C 24 -27.25 25.44 14.14
C ASN C 24 -27.39 23.97 14.53
N ILE C 25 -27.89 23.71 15.74
CA ILE C 25 -28.05 22.33 16.18
C ILE C 25 -28.90 21.53 15.21
N ALA C 26 -29.99 22.13 14.75
CA ALA C 26 -30.90 21.48 13.81
C ALA C 26 -30.23 21.24 12.47
N VAL C 27 -29.42 22.21 12.05
CA VAL C 27 -28.71 22.10 10.79
C VAL C 27 -27.69 20.97 10.86
N ARG C 28 -26.73 21.09 11.76
CA ARG C 28 -25.71 20.06 11.92
C ARG C 28 -26.35 18.69 11.79
N LYS C 29 -27.46 18.50 12.51
CA LYS C 29 -28.17 17.24 12.50
C LYS C 29 -28.67 16.93 11.09
N SER C 30 -29.38 17.89 10.50
CA SER C 30 -29.92 17.70 9.17
C SER C 30 -28.83 17.24 8.22
N ARG C 31 -27.70 17.95 8.22
CA ARG C 31 -26.59 17.61 7.36
C ARG C 31 -26.07 16.22 7.65
N ASP C 32 -25.80 15.94 8.92
CA ASP C 32 -25.31 14.62 9.30
C ASP C 32 -26.29 13.53 8.88
N LYS C 33 -27.58 13.81 8.88
CA LYS C 33 -28.56 12.81 8.46
C LYS C 33 -28.43 12.58 6.96
N ALA C 34 -28.56 13.66 6.20
CA ALA C 34 -28.45 13.59 4.75
C ALA C 34 -27.12 12.97 4.32
N LYS C 35 -26.07 13.19 5.10
CA LYS C 35 -24.77 12.62 4.77
C LYS C 35 -24.85 11.09 4.77
N MET C 36 -25.38 10.54 5.87
CA MET C 36 -25.53 9.09 5.99
C MET C 36 -26.41 8.51 4.91
N ARG C 37 -27.44 9.25 4.52
CA ARG C 37 -28.34 8.80 3.47
C ARG C 37 -27.58 8.58 2.17
N ASN C 38 -26.60 9.44 1.89
CA ASN C 38 -25.80 9.32 0.68
C ASN C 38 -24.84 8.14 0.74
N LEU C 39 -24.06 8.06 1.81
CA LEU C 39 -23.11 6.97 1.97
C LEU C 39 -23.83 5.64 1.83
N GLU C 40 -24.99 5.51 2.47
CA GLU C 40 -25.77 4.30 2.40
C GLU C 40 -26.18 4.02 0.94
N THR C 41 -26.53 5.08 0.22
CA THR C 41 -26.91 4.93 -1.17
C THR C 41 -25.70 4.41 -1.95
N GLN C 42 -24.53 4.96 -1.67
CA GLN C 42 -23.31 4.53 -2.34
C GLN C 42 -23.13 3.04 -2.13
N HIS C 43 -23.09 2.61 -0.87
CA HIS C 43 -22.95 1.20 -0.56
C HIS C 43 -23.93 0.41 -1.41
N LYS C 44 -25.19 0.85 -1.41
CA LYS C 44 -26.24 0.21 -2.18
C LYS C 44 -25.82 0.02 -3.63
N VAL C 45 -25.07 0.99 -4.17
CA VAL C 45 -24.62 0.90 -5.54
C VAL C 45 -23.59 -0.21 -5.61
N LEU C 46 -22.65 -0.18 -4.68
CA LEU C 46 -21.61 -1.19 -4.64
C LEU C 46 -22.24 -2.59 -4.59
N GLU C 47 -23.23 -2.77 -3.70
CA GLU C 47 -23.90 -4.05 -3.60
C GLU C 47 -24.43 -4.43 -4.98
N LEU C 48 -25.38 -3.66 -5.50
CA LEU C 48 -25.96 -3.93 -6.82
C LEU C 48 -24.91 -4.12 -7.90
N THR C 49 -23.79 -3.42 -7.79
CA THR C 49 -22.72 -3.56 -8.77
C THR C 49 -22.17 -4.96 -8.67
N ALA C 50 -21.94 -5.40 -7.44
CA ALA C 50 -21.42 -6.73 -7.18
C ALA C 50 -22.38 -7.76 -7.78
N GLU C 51 -23.63 -7.73 -7.34
CA GLU C 51 -24.64 -8.65 -7.84
C GLU C 51 -24.72 -8.60 -9.36
N ASN C 52 -24.48 -7.42 -9.93
CA ASN C 52 -24.52 -7.28 -11.37
C ASN C 52 -23.35 -8.01 -11.99
N GLU C 53 -22.16 -7.77 -11.45
CA GLU C 53 -20.95 -8.40 -11.98
C GLU C 53 -20.99 -9.92 -11.85
N ARG C 54 -21.73 -10.43 -10.86
CA ARG C 54 -21.81 -11.87 -10.68
C ARG C 54 -22.76 -12.43 -11.74
N LEU C 55 -24.00 -11.96 -11.72
CA LEU C 55 -25.00 -12.40 -12.68
C LEU C 55 -24.47 -12.26 -14.11
N GLN C 56 -23.62 -11.26 -14.31
CA GLN C 56 -23.04 -11.00 -15.62
C GLN C 56 -22.16 -12.20 -15.97
N LYS C 57 -21.13 -12.41 -15.17
CA LYS C 57 -20.21 -13.51 -15.39
C LYS C 57 -20.96 -14.82 -15.39
N LYS C 58 -22.03 -14.90 -14.60
CA LYS C 58 -22.84 -16.11 -14.49
C LYS C 58 -23.59 -16.41 -15.78
N VAL C 59 -23.96 -15.37 -16.51
CA VAL C 59 -24.67 -15.55 -17.78
C VAL C 59 -23.68 -15.96 -18.86
N GLU C 60 -22.52 -15.29 -18.92
CA GLU C 60 -21.49 -15.64 -19.90
C GLU C 60 -21.15 -17.12 -19.72
N GLN C 61 -21.23 -17.58 -18.47
CA GLN C 61 -20.96 -18.98 -18.13
C GLN C 61 -22.00 -19.89 -18.77
N LEU C 62 -23.24 -19.78 -18.29
CA LEU C 62 -24.31 -20.60 -18.83
C LEU C 62 -24.41 -20.48 -20.35
N SER C 63 -23.74 -19.49 -20.92
CA SER C 63 -23.78 -19.33 -22.37
C SER C 63 -22.87 -20.38 -22.99
N ARG C 64 -21.61 -20.33 -22.60
CA ARG C 64 -20.60 -21.26 -23.09
C ARG C 64 -20.95 -22.68 -22.64
N GLU C 65 -21.60 -22.78 -21.49
CA GLU C 65 -21.99 -24.08 -20.94
C GLU C 65 -23.11 -24.69 -21.77
N LEU C 66 -23.96 -23.84 -22.35
CA LEU C 66 -25.05 -24.32 -23.18
C LEU C 66 -24.58 -24.33 -24.63
N SER C 67 -23.58 -23.51 -24.92
CA SER C 67 -23.00 -23.45 -26.26
C SER C 67 -22.32 -24.78 -26.53
N THR C 68 -21.35 -25.09 -25.69
CA THR C 68 -20.61 -26.33 -25.80
C THR C 68 -21.59 -27.50 -25.83
N LEU C 69 -22.74 -27.34 -25.18
CA LEU C 69 -23.76 -28.39 -25.14
C LEU C 69 -24.56 -28.43 -26.42
N ARG C 70 -24.56 -27.32 -27.15
CA ARG C 70 -25.28 -27.27 -28.42
C ARG C 70 -24.39 -27.89 -29.48
N ASN C 71 -23.07 -27.77 -29.30
CA ASN C 71 -22.10 -28.32 -30.23
C ASN C 71 -22.07 -29.86 -30.15
N LEU C 72 -22.26 -30.38 -28.94
CA LEU C 72 -22.27 -31.83 -28.72
C LEU C 72 -23.52 -32.46 -29.32
N PHE C 73 -24.36 -31.63 -29.94
CA PHE C 73 -25.58 -32.11 -30.57
C PHE C 73 -25.43 -31.99 -32.08
N LYS D 7 -0.77 34.55 6.90
CA LYS D 7 -0.76 36.03 6.74
C LYS D 7 -1.97 36.70 7.42
N THR D 8 -1.84 37.99 7.73
CA THR D 8 -2.93 38.73 8.36
C THR D 8 -3.38 39.83 7.39
N VAL D 9 -4.64 39.78 6.97
CA VAL D 9 -5.17 40.75 6.02
C VAL D 9 -6.38 41.55 6.55
N ASP D 10 -6.74 42.61 5.81
CA ASP D 10 -7.87 43.47 6.15
C ASP D 10 -9.07 43.09 5.31
N LYS D 11 -10.19 42.86 5.98
CA LYS D 11 -11.43 42.48 5.29
C LYS D 11 -12.00 43.59 4.42
N HIS D 12 -11.31 44.71 4.35
CA HIS D 12 -11.78 45.84 3.55
C HIS D 12 -10.94 45.97 2.30
N SER D 13 -9.76 45.38 2.32
CA SER D 13 -8.85 45.44 1.18
C SER D 13 -9.57 45.06 -0.09
N ASP D 14 -8.84 45.02 -1.19
CA ASP D 14 -9.42 44.67 -2.48
C ASP D 14 -9.16 43.20 -2.78
N GLU D 15 -7.88 42.83 -2.79
CA GLU D 15 -7.51 41.46 -3.08
C GLU D 15 -8.31 40.51 -2.18
N TYR D 16 -8.60 40.95 -0.95
CA TYR D 16 -9.37 40.09 -0.06
C TYR D 16 -10.74 39.84 -0.63
N LYS D 17 -11.36 40.90 -1.11
CA LYS D 17 -12.69 40.78 -1.68
C LYS D 17 -12.61 40.04 -3.00
N ILE D 18 -11.70 40.45 -3.86
CA ILE D 18 -11.56 39.75 -5.13
C ILE D 18 -11.40 38.27 -4.90
N ARG D 19 -10.51 37.89 -4.00
CA ARG D 19 -10.32 36.49 -3.71
C ARG D 19 -11.55 35.91 -3.05
N ARG D 20 -12.02 36.54 -1.98
CA ARG D 20 -13.17 36.04 -1.25
C ARG D 20 -14.39 35.85 -2.14
N GLU D 21 -14.51 36.64 -3.21
CA GLU D 21 -15.65 36.48 -4.11
C GLU D 21 -15.43 35.29 -5.03
N ARG D 22 -14.32 35.33 -5.77
CA ARG D 22 -13.99 34.25 -6.69
C ARG D 22 -14.11 32.90 -6.00
N ASN D 23 -13.69 32.84 -4.74
CA ASN D 23 -13.77 31.59 -4.01
C ASN D 23 -15.21 31.18 -3.91
N ASN D 24 -16.05 32.12 -3.50
CA ASN D 24 -17.49 31.89 -3.35
C ASN D 24 -18.05 31.32 -4.63
N ILE D 25 -17.58 31.84 -5.76
CA ILE D 25 -18.02 31.36 -7.06
C ILE D 25 -17.61 29.90 -7.23
N ALA D 26 -16.34 29.60 -6.99
CA ALA D 26 -15.88 28.22 -7.12
C ALA D 26 -16.66 27.31 -6.19
N VAL D 27 -17.05 27.80 -5.02
CA VAL D 27 -17.81 26.97 -4.09
C VAL D 27 -19.22 26.75 -4.61
N ARG D 28 -19.77 27.72 -5.31
CA ARG D 28 -21.10 27.56 -5.89
C ARG D 28 -21.03 26.46 -6.94
N LYS D 29 -19.95 26.45 -7.71
CA LYS D 29 -19.75 25.44 -8.75
C LYS D 29 -19.43 24.09 -8.15
N SER D 30 -18.63 24.10 -7.10
CA SER D 30 -18.24 22.89 -6.44
C SER D 30 -19.43 22.16 -5.84
N ARG D 31 -20.29 22.86 -5.12
CA ARG D 31 -21.44 22.18 -4.56
C ARG D 31 -22.43 21.86 -5.68
N ASP D 32 -22.69 22.83 -6.55
CA ASP D 32 -23.62 22.57 -7.65
C ASP D 32 -23.17 21.34 -8.44
N LYS D 33 -21.92 20.94 -8.30
CA LYS D 33 -21.47 19.76 -9.02
C LYS D 33 -21.79 18.55 -8.20
N ALA D 34 -21.42 18.58 -6.91
CA ALA D 34 -21.68 17.46 -6.03
C ALA D 34 -23.15 17.09 -6.05
N LYS D 35 -24.02 18.06 -6.26
CA LYS D 35 -25.44 17.74 -6.32
C LYS D 35 -25.65 16.73 -7.42
N MET D 36 -25.18 17.03 -8.61
CA MET D 36 -25.38 16.13 -9.73
C MET D 36 -24.76 14.75 -9.55
N ARG D 37 -23.70 14.64 -8.77
CA ARG D 37 -23.11 13.32 -8.57
C ARG D 37 -24.09 12.50 -7.76
N ASN D 38 -24.65 13.08 -6.71
CA ASN D 38 -25.60 12.34 -5.89
C ASN D 38 -26.82 12.02 -6.72
N LEU D 39 -27.24 12.98 -7.52
CA LEU D 39 -28.40 12.78 -8.36
C LEU D 39 -28.13 11.58 -9.27
N GLU D 40 -26.93 11.51 -9.83
CA GLU D 40 -26.55 10.40 -10.72
C GLU D 40 -26.41 9.08 -9.98
N THR D 41 -25.75 9.11 -8.82
CA THR D 41 -25.60 7.90 -8.03
C THR D 41 -26.97 7.25 -7.79
N GLN D 42 -27.97 8.05 -7.45
CA GLN D 42 -29.30 7.51 -7.20
C GLN D 42 -29.87 6.89 -8.46
N HIS D 43 -29.73 7.60 -9.58
CA HIS D 43 -30.22 7.10 -10.86
C HIS D 43 -29.57 5.76 -11.17
N LYS D 44 -28.26 5.70 -11.02
CA LYS D 44 -27.51 4.46 -11.27
C LYS D 44 -28.09 3.33 -10.43
N VAL D 45 -28.65 3.67 -9.28
CA VAL D 45 -29.24 2.65 -8.44
C VAL D 45 -30.43 2.05 -9.16
N LEU D 46 -31.27 2.91 -9.72
CA LEU D 46 -32.42 2.40 -10.44
C LEU D 46 -31.93 1.67 -11.68
N GLU D 47 -31.02 2.29 -12.41
CA GLU D 47 -30.49 1.68 -13.62
C GLU D 47 -29.99 0.28 -13.31
N LEU D 48 -29.15 0.15 -12.28
CA LEU D 48 -28.62 -1.17 -11.92
C LEU D 48 -29.71 -2.13 -11.44
N THR D 49 -30.57 -1.69 -10.52
CA THR D 49 -31.63 -2.55 -10.02
C THR D 49 -32.40 -3.18 -11.20
N ALA D 50 -32.54 -2.41 -12.27
CA ALA D 50 -33.26 -2.91 -13.44
C ALA D 50 -32.43 -3.93 -14.22
N GLU D 51 -31.15 -3.63 -14.40
CA GLU D 51 -30.23 -4.52 -15.11
C GLU D 51 -30.19 -5.88 -14.41
N ASN D 52 -30.07 -5.85 -13.09
CA ASN D 52 -30.01 -7.08 -12.28
C ASN D 52 -31.27 -7.93 -12.44
N GLU D 53 -32.44 -7.32 -12.34
CA GLU D 53 -33.66 -8.09 -12.50
C GLU D 53 -33.70 -8.65 -13.92
N ARG D 54 -33.23 -7.86 -14.88
CA ARG D 54 -33.23 -8.30 -16.27
C ARG D 54 -32.29 -9.49 -16.47
N LEU D 55 -31.16 -9.49 -15.77
CA LEU D 55 -30.22 -10.61 -15.91
C LEU D 55 -30.68 -11.80 -15.09
N GLN D 56 -31.45 -11.54 -14.04
CA GLN D 56 -31.94 -12.63 -13.22
C GLN D 56 -32.84 -13.48 -14.10
N LYS D 57 -33.69 -12.81 -14.89
CA LYS D 57 -34.60 -13.49 -15.79
C LYS D 57 -33.84 -14.16 -16.93
N LYS D 58 -32.71 -13.56 -17.31
CA LYS D 58 -31.88 -14.11 -18.38
C LYS D 58 -31.18 -15.36 -17.87
N VAL D 59 -30.70 -15.32 -16.63
CA VAL D 59 -30.05 -16.47 -16.01
C VAL D 59 -31.10 -17.55 -15.77
N GLU D 60 -32.18 -17.17 -15.11
CA GLU D 60 -33.27 -18.10 -14.81
C GLU D 60 -33.74 -18.80 -16.07
N GLN D 61 -33.94 -18.02 -17.13
CA GLN D 61 -34.41 -18.57 -18.40
C GLN D 61 -33.35 -19.46 -19.03
N LEU D 62 -32.19 -18.88 -19.35
CA LEU D 62 -31.09 -19.64 -19.96
C LEU D 62 -30.83 -20.97 -19.25
N SER D 63 -31.10 -21.04 -17.95
CA SER D 63 -30.90 -22.27 -17.19
C SER D 63 -31.93 -23.32 -17.58
N ARG D 64 -33.21 -22.98 -17.39
CA ARG D 64 -34.30 -23.89 -17.74
C ARG D 64 -34.11 -24.47 -19.14
N GLU D 65 -33.54 -23.68 -20.04
CA GLU D 65 -33.32 -24.11 -21.41
C GLU D 65 -32.23 -25.17 -21.49
N LEU D 66 -31.16 -24.95 -20.74
CA LEU D 66 -30.03 -25.88 -20.74
C LEU D 66 -30.47 -27.23 -20.19
N SER D 67 -31.23 -27.20 -19.10
CA SER D 67 -31.73 -28.42 -18.48
C SER D 67 -32.60 -29.19 -19.48
N THR D 68 -33.75 -28.61 -19.84
CA THR D 68 -34.67 -29.23 -20.80
C THR D 68 -33.96 -29.73 -22.06
N LEU D 69 -32.87 -29.07 -22.46
CA LEU D 69 -32.10 -29.46 -23.63
C LEU D 69 -31.27 -30.71 -23.37
N ARG D 70 -30.75 -30.83 -22.16
CA ARG D 70 -29.95 -31.99 -21.79
C ARG D 70 -30.81 -33.25 -21.81
N ASN D 71 -31.98 -33.17 -21.18
CA ASN D 71 -32.91 -34.31 -21.10
C ASN D 71 -33.10 -35.00 -22.44
N LEU D 72 -33.47 -34.24 -23.46
CA LEU D 72 -33.69 -34.81 -24.78
C LEU D 72 -32.45 -35.47 -25.32
N PHE D 73 -31.31 -35.08 -24.78
CA PHE D 73 -30.04 -35.61 -25.20
C PHE D 73 -29.69 -36.92 -24.48
N LYS D 74 -30.10 -37.04 -23.22
CA LYS D 74 -29.81 -38.23 -22.43
C LYS D 74 -30.98 -39.21 -22.39
N GLN D 75 -32.18 -38.70 -22.64
CA GLN D 75 -33.39 -39.52 -22.60
C GLN D 75 -33.68 -40.23 -23.92
N LEU D 76 -33.11 -39.73 -25.02
CA LEU D 76 -33.34 -40.33 -26.33
C LEU D 76 -32.79 -41.75 -26.43
N GLY E 1 -2.59 -2.39 -12.63
CA GLY E 1 -1.82 -1.93 -13.83
C GLY E 1 -0.74 -2.93 -14.23
N GLU E 2 0.34 -2.42 -14.83
CA GLU E 2 1.43 -3.28 -15.27
C GLU E 2 2.31 -3.70 -14.10
N LEU E 3 2.68 -4.97 -14.08
CA LEU E 3 3.50 -5.53 -13.02
C LEU E 3 4.88 -5.90 -13.52
N VAL E 4 5.86 -5.91 -12.62
CA VAL E 4 7.24 -6.21 -13.00
C VAL E 4 7.90 -7.10 -11.98
N ARG E 5 9.07 -7.61 -12.33
CA ARG E 5 9.79 -8.48 -11.42
C ARG E 5 10.51 -7.69 -10.35
N THR E 6 10.48 -8.22 -9.13
CA THR E 6 11.18 -7.59 -8.01
C THR E 6 12.54 -8.27 -7.93
N ASP E 7 13.33 -7.91 -6.93
CA ASP E 7 14.63 -8.55 -6.79
C ASP E 7 14.45 -9.91 -6.11
N SER E 8 13.24 -10.14 -5.59
CA SER E 8 12.89 -11.41 -4.93
C SER E 8 12.04 -12.22 -5.91
N PRO E 9 12.46 -13.45 -6.21
CA PRO E 9 11.79 -14.36 -7.14
C PRO E 9 10.40 -14.80 -6.71
N ASN E 10 9.93 -14.30 -5.57
CA ASN E 10 8.61 -14.70 -5.11
C ASN E 10 7.58 -13.58 -5.20
N PHE E 11 8.03 -12.37 -5.55
CA PHE E 11 7.11 -11.25 -5.66
C PHE E 11 7.22 -10.36 -6.87
N LEU E 12 6.06 -9.82 -7.26
CA LEU E 12 5.97 -8.91 -8.39
C LEU E 12 5.24 -7.69 -7.87
N CYS E 13 5.61 -6.52 -8.35
CA CYS E 13 4.94 -5.31 -7.91
C CYS E 13 4.73 -4.40 -9.10
N SER E 14 3.87 -3.41 -8.91
CA SER E 14 3.57 -2.45 -9.97
C SER E 14 4.81 -1.71 -10.41
N VAL E 15 4.76 -1.12 -11.59
CA VAL E 15 5.87 -0.34 -12.08
C VAL E 15 5.51 1.08 -11.68
N LEU E 16 6.49 1.82 -11.19
CA LEU E 16 6.25 3.19 -10.79
C LEU E 16 6.81 4.09 -11.87
N PRO E 17 6.28 5.31 -11.97
CA PRO E 17 6.71 6.28 -12.95
C PRO E 17 8.19 6.45 -12.76
N THR E 18 8.92 6.67 -13.83
CA THR E 18 10.35 6.87 -13.68
C THR E 18 10.54 8.08 -12.74
N HIS E 19 9.80 9.14 -13.02
CA HIS E 19 9.88 10.39 -12.29
C HIS E 19 8.51 10.82 -11.74
N TRP E 20 8.50 11.38 -10.53
CA TRP E 20 7.26 11.82 -9.90
C TRP E 20 7.40 12.83 -8.75
N ARG E 21 6.45 13.74 -8.71
CA ARG E 21 6.45 14.80 -7.72
C ARG E 21 6.24 14.39 -6.28
N CYS E 22 6.98 15.00 -5.39
CA CYS E 22 6.83 14.72 -3.96
C CYS E 22 5.37 14.96 -3.55
N ASN E 23 4.88 14.12 -2.63
CA ASN E 23 3.52 14.23 -2.11
C ASN E 23 2.39 14.25 -3.12
N LYS E 24 2.70 13.98 -4.37
CA LYS E 24 1.66 13.96 -5.39
C LYS E 24 1.20 12.52 -5.56
N THR E 25 -0.11 12.29 -5.43
CA THR E 25 -0.68 10.95 -5.57
C THR E 25 -0.30 10.27 -6.88
N LEU E 26 0.15 9.02 -6.78
CA LEU E 26 0.57 8.24 -7.93
C LEU E 26 -0.44 8.20 -9.06
N PRO E 27 0.02 7.93 -10.29
CA PRO E 27 -0.88 7.87 -11.43
C PRO E 27 -1.78 6.66 -11.31
N ILE E 28 -1.21 5.56 -10.80
CA ILE E 28 -1.91 4.29 -10.62
C ILE E 28 -1.65 3.77 -9.22
N ALA E 29 -2.59 3.03 -8.64
CA ALA E 29 -2.41 2.52 -7.29
C ALA E 29 -1.35 1.43 -7.30
N PHE E 30 -0.42 1.51 -6.34
CA PHE E 30 0.70 0.58 -6.24
C PHE E 30 0.30 -0.76 -5.65
N LYS E 31 0.67 -1.85 -6.32
CA LYS E 31 0.33 -3.21 -5.89
C LYS E 31 1.50 -4.17 -5.80
N VAL E 32 1.52 -4.96 -4.75
CA VAL E 32 2.55 -5.97 -4.56
C VAL E 32 1.88 -7.33 -4.72
N VAL E 33 2.45 -8.16 -5.59
CA VAL E 33 1.90 -9.47 -5.86
C VAL E 33 2.73 -10.64 -5.37
N ALA E 34 2.06 -11.64 -4.82
CA ALA E 34 2.72 -12.82 -4.31
C ALA E 34 2.39 -14.05 -5.15
N LEU E 35 3.43 -14.67 -5.70
CA LEU E 35 3.26 -15.86 -6.53
C LEU E 35 3.09 -17.06 -5.58
N GLY E 36 3.99 -17.15 -4.59
CA GLY E 36 3.89 -18.23 -3.62
C GLY E 36 2.63 -17.97 -2.83
N ASP E 37 2.42 -18.66 -1.72
CA ASP E 37 1.20 -18.41 -0.96
C ASP E 37 1.38 -17.57 0.28
N VAL E 38 0.52 -16.57 0.40
CA VAL E 38 0.55 -15.70 1.55
C VAL E 38 -0.83 -15.58 2.19
N PRO E 39 -0.94 -16.06 3.42
CA PRO E 39 -2.23 -15.96 4.09
C PRO E 39 -2.68 -14.52 4.13
N ASP E 40 -3.96 -14.29 3.94
CA ASP E 40 -4.49 -12.94 3.95
C ASP E 40 -4.21 -12.27 5.31
N GLY E 41 -4.33 -10.94 5.36
CA GLY E 41 -4.09 -10.22 6.60
C GLY E 41 -2.64 -9.84 6.77
N THR E 42 -1.77 -10.62 6.12
CA THR E 42 -0.32 -10.41 6.15
C THR E 42 0.05 -8.99 5.74
N LEU E 43 0.65 -8.25 6.65
CA LEU E 43 1.05 -6.88 6.37
C LEU E 43 2.21 -6.72 5.40
N VAL E 44 2.22 -5.58 4.74
CA VAL E 44 3.26 -5.26 3.79
C VAL E 44 3.55 -3.78 3.95
N THR E 45 4.81 -3.41 3.83
CA THR E 45 5.17 -2.02 3.96
C THR E 45 6.31 -1.76 3.01
N VAL E 46 6.34 -0.54 2.49
CA VAL E 46 7.41 -0.19 1.58
C VAL E 46 8.22 0.89 2.27
N MET E 47 9.48 1.00 1.87
CA MET E 47 10.39 2.01 2.41
C MET E 47 11.30 2.20 1.23
N ALA E 48 11.95 3.35 1.13
CA ALA E 48 12.82 3.58 0.00
C ALA E 48 14.07 4.32 0.45
N GLY E 49 15.22 3.87 -0.05
CA GLY E 49 16.48 4.46 0.34
C GLY E 49 17.27 5.07 -0.79
N ASN E 50 18.54 5.37 -0.52
CA ASN E 50 19.37 6.03 -1.52
C ASN E 50 20.70 6.44 -0.95
N ASP E 51 21.77 6.25 -1.71
CA ASP E 51 23.09 6.66 -1.25
C ASP E 51 23.04 8.10 -0.74
N GLU E 52 22.15 8.91 -1.31
CA GLU E 52 22.01 10.31 -0.91
C GLU E 52 20.89 10.54 0.10
N ASN E 53 19.92 9.63 0.12
CA ASN E 53 18.78 9.73 1.04
C ASN E 53 18.59 8.33 1.58
N TYR E 54 18.71 8.12 2.89
CA TYR E 54 18.61 6.75 3.34
C TYR E 54 17.25 6.23 3.74
N SER E 55 16.32 7.13 4.04
CA SER E 55 14.99 6.70 4.42
C SER E 55 14.02 7.82 4.12
N ALA E 56 13.35 7.70 2.98
CA ALA E 56 12.42 8.72 2.52
C ALA E 56 11.10 8.71 3.27
N GLU E 57 10.51 9.90 3.40
CA GLU E 57 9.23 10.05 4.04
C GLU E 57 8.16 9.53 3.10
N LEU E 58 7.42 8.51 3.54
CA LEU E 58 6.35 7.95 2.73
C LEU E 58 4.99 8.16 3.36
N ARG E 59 3.95 8.04 2.55
CA ARG E 59 2.61 8.22 3.05
C ARG E 59 1.74 7.03 2.66
N ASN E 60 1.21 6.37 3.66
CA ASN E 60 0.35 5.20 3.45
C ASN E 60 1.18 4.14 2.77
N ALA E 61 2.25 3.68 3.42
CA ALA E 61 3.11 2.67 2.81
C ALA E 61 2.89 1.33 3.44
N THR E 62 1.78 1.23 4.16
CA THR E 62 1.40 0.01 4.86
C THR E 62 0.10 -0.54 4.30
N ALA E 63 0.15 -1.77 3.78
CA ALA E 63 -1.01 -2.43 3.21
C ALA E 63 -1.12 -3.88 3.68
N ALA E 64 -2.31 -4.45 3.49
CA ALA E 64 -2.58 -5.84 3.88
C ALA E 64 -2.84 -6.73 2.66
N MET E 65 -2.09 -7.83 2.59
CA MET E 65 -2.21 -8.77 1.49
C MET E 65 -3.59 -9.36 1.51
N LYS E 66 -4.21 -9.48 0.35
CA LYS E 66 -5.54 -10.08 0.28
C LYS E 66 -5.60 -10.79 -1.04
N ASN E 67 -5.73 -12.10 -0.97
CA ASN E 67 -5.79 -12.94 -2.15
C ASN E 67 -4.50 -12.80 -2.95
N GLN E 68 -3.37 -12.89 -2.25
CA GLN E 68 -2.04 -12.82 -2.86
C GLN E 68 -1.60 -11.46 -3.42
N VAL E 69 -2.41 -10.43 -3.25
CA VAL E 69 -2.02 -9.12 -3.74
C VAL E 69 -2.13 -8.00 -2.72
N ALA E 70 -1.14 -7.13 -2.79
CA ALA E 70 -1.01 -5.99 -1.90
C ALA E 70 -1.45 -4.76 -2.64
N ARG E 71 -2.62 -4.22 -2.31
CA ARG E 71 -3.10 -3.02 -2.96
C ARG E 71 -2.98 -1.84 -2.01
N PHE E 72 -2.17 -0.87 -2.42
CA PHE E 72 -1.90 0.33 -1.63
C PHE E 72 -2.83 1.48 -1.92
N ASN E 73 -3.40 2.04 -0.86
CA ASN E 73 -4.32 3.19 -0.96
C ASN E 73 -3.61 4.55 -0.95
N ASP E 74 -3.24 5.05 -2.14
CA ASP E 74 -2.56 6.33 -2.25
C ASP E 74 -1.15 6.36 -1.65
N LEU E 75 -0.27 5.51 -2.15
CA LEU E 75 1.07 5.50 -1.65
C LEU E 75 1.70 6.77 -2.17
N ARG E 76 2.16 7.63 -1.28
CA ARG E 76 2.80 8.88 -1.68
C ARG E 76 4.23 8.96 -1.20
N PHE E 77 5.10 9.46 -2.07
CA PHE E 77 6.49 9.59 -1.70
C PHE E 77 6.74 11.02 -1.29
N VAL E 78 7.41 11.25 -0.16
CA VAL E 78 7.68 12.61 0.23
C VAL E 78 9.13 13.07 0.16
N GLY E 79 10.06 12.31 0.69
CA GLY E 79 11.38 12.93 0.58
C GLY E 79 11.91 12.87 -0.85
N ARG E 80 12.62 13.88 -1.36
CA ARG E 80 13.20 13.78 -2.70
C ARG E 80 14.26 12.69 -2.72
N SER E 81 14.64 12.26 -3.92
CA SER E 81 15.61 11.18 -4.08
C SER E 81 16.94 11.63 -4.65
N GLY E 82 17.11 12.94 -4.81
CA GLY E 82 18.37 13.42 -5.35
C GLY E 82 18.43 13.48 -6.86
N ARG E 83 18.85 14.64 -7.37
CA ARG E 83 18.95 14.89 -8.81
C ARG E 83 19.57 13.72 -9.56
N GLY E 84 19.06 13.42 -10.76
CA GLY E 84 19.60 12.33 -11.53
C GLY E 84 19.50 10.96 -10.84
N LYS E 85 19.30 10.96 -9.53
CA LYS E 85 19.21 9.71 -8.77
C LYS E 85 17.79 9.22 -8.50
N SER E 86 17.66 7.91 -8.34
CA SER E 86 16.36 7.29 -8.06
C SER E 86 16.42 6.55 -6.74
N PHE E 87 15.26 6.17 -6.23
CA PHE E 87 15.17 5.46 -4.96
C PHE E 87 15.22 4.00 -5.31
N THR E 88 15.28 3.19 -4.26
CA THR E 88 15.27 1.75 -4.39
C THR E 88 14.27 1.45 -3.32
N LEU E 89 13.14 0.87 -3.66
CA LEU E 89 12.21 0.61 -2.58
C LEU E 89 12.29 -0.79 -2.09
N THR E 90 11.94 -0.93 -0.82
CA THR E 90 11.99 -2.19 -0.12
C THR E 90 10.61 -2.64 0.25
N ILE E 91 10.12 -3.67 -0.42
CA ILE E 91 8.83 -4.16 -0.06
C ILE E 91 9.12 -5.21 0.98
N THR E 92 8.41 -5.13 2.09
CA THR E 92 8.63 -6.09 3.15
C THR E 92 7.31 -6.78 3.45
N VAL E 93 7.25 -8.09 3.17
CA VAL E 93 6.05 -8.89 3.42
C VAL E 93 6.20 -9.51 4.79
N PHE E 94 5.37 -9.09 5.73
CA PHE E 94 5.43 -9.54 7.11
C PHE E 94 4.84 -10.90 7.46
N THR E 95 5.60 -11.95 7.15
CA THR E 95 5.23 -13.33 7.47
C THR E 95 6.34 -13.91 8.33
N ASN E 96 6.16 -15.15 8.78
CA ASN E 96 7.14 -15.80 9.62
C ASN E 96 8.00 -16.75 8.80
N PRO E 97 9.23 -16.34 8.45
CA PRO E 97 9.78 -15.02 8.80
C PRO E 97 9.46 -14.01 7.70
N PRO E 98 9.88 -12.76 7.90
CA PRO E 98 9.60 -11.76 6.89
C PRO E 98 10.40 -11.97 5.62
N GLN E 99 9.79 -11.67 4.48
CA GLN E 99 10.46 -11.79 3.20
C GLN E 99 10.67 -10.37 2.72
N VAL E 100 11.72 -10.16 1.97
CA VAL E 100 12.04 -8.83 1.50
C VAL E 100 12.36 -8.81 0.02
N ALA E 101 11.74 -7.84 -0.67
CA ALA E 101 11.93 -7.65 -2.09
C ALA E 101 12.40 -6.24 -2.29
N THR E 102 13.51 -6.09 -2.99
CA THR E 102 14.02 -4.76 -3.29
C THR E 102 13.67 -4.54 -4.74
N TYR E 103 13.63 -3.28 -5.15
CA TYR E 103 13.31 -2.92 -6.51
C TYR E 103 14.17 -1.68 -6.73
N HIS E 104 15.38 -1.91 -7.20
CA HIS E 104 16.36 -0.85 -7.42
C HIS E 104 15.94 0.18 -8.46
N ARG E 105 16.54 1.37 -8.35
CA ARG E 105 16.19 2.47 -9.24
C ARG E 105 14.74 2.29 -9.69
N ALA E 106 13.84 2.45 -8.72
CA ALA E 106 12.41 2.28 -8.90
C ALA E 106 11.67 3.52 -9.37
N ILE E 107 11.91 4.64 -8.68
CA ILE E 107 11.24 5.88 -9.00
C ILE E 107 12.12 7.06 -8.58
N LYS E 108 11.99 8.19 -9.29
CA LYS E 108 12.74 9.39 -8.96
C LYS E 108 11.77 10.40 -8.34
N ILE E 109 12.10 10.93 -7.17
CA ILE E 109 11.22 11.89 -6.54
C ILE E 109 11.87 13.27 -6.43
N THR E 110 11.37 14.21 -7.25
CA THR E 110 11.87 15.58 -7.23
C THR E 110 10.74 16.44 -6.65
N VAL E 111 11.03 17.69 -6.32
CA VAL E 111 10.04 18.57 -5.78
C VAL E 111 9.08 19.12 -6.83
N ASP E 112 9.45 19.05 -8.10
CA ASP E 112 8.56 19.54 -9.16
C ASP E 112 7.92 18.40 -9.93
N GLY E 113 8.51 17.23 -9.86
CA GLY E 113 7.98 16.13 -10.64
C GLY E 113 8.12 16.57 -12.08
N PRO E 114 7.81 15.71 -13.06
CA PRO E 114 7.91 16.01 -14.49
C PRO E 114 7.19 17.30 -14.92
N ARG E 115 7.91 18.20 -15.58
CA ARG E 115 7.32 19.47 -16.03
C ARG E 115 7.52 19.65 -17.52
N GLU E 116 6.59 20.34 -18.15
CA GLU E 116 6.71 20.62 -19.57
C GLU E 116 7.97 21.49 -19.68
N PRO E 117 8.73 21.36 -20.77
CA PRO E 117 9.95 22.17 -20.90
C PRO E 117 9.66 23.65 -20.76
N ARG E 118 10.27 24.29 -19.77
CA ARG E 118 10.07 25.71 -19.52
C ARG E 118 10.29 26.44 -20.82
N ARG E 119 9.29 27.23 -21.22
CA ARG E 119 9.32 27.97 -22.47
C ARG E 119 10.02 29.32 -22.41
N HIS E 120 11.35 29.32 -22.46
CA HIS E 120 12.12 30.55 -22.44
C HIS E 120 13.06 30.61 -23.65
N PRO F 2 8.20 -19.30 -5.24
CA PRO F 2 9.15 -19.96 -4.32
C PRO F 2 9.74 -18.96 -3.34
N ARG F 3 9.80 -19.36 -2.08
CA ARG F 3 10.36 -18.48 -1.06
C ARG F 3 11.81 -18.12 -1.37
N VAL F 4 12.48 -18.96 -2.14
CA VAL F 4 13.87 -18.70 -2.49
C VAL F 4 14.27 -19.21 -3.87
N VAL F 5 15.41 -18.70 -4.37
CA VAL F 5 15.91 -19.07 -5.68
C VAL F 5 16.51 -20.47 -5.69
N PRO F 6 17.06 -20.89 -6.83
CA PRO F 6 17.64 -22.24 -6.82
C PRO F 6 18.75 -22.33 -5.78
N ASP F 7 19.78 -21.48 -5.90
CA ASP F 7 20.88 -21.54 -4.91
C ASP F 7 21.39 -20.21 -4.34
N GLN F 8 21.03 -20.00 -3.08
CA GLN F 8 21.40 -18.81 -2.34
C GLN F 8 22.90 -18.55 -2.34
N ARG F 9 23.64 -19.59 -1.94
CA ARG F 9 25.09 -19.53 -1.85
C ARG F 9 25.71 -18.61 -2.90
N SER F 10 25.93 -19.17 -4.09
CA SER F 10 26.52 -18.45 -5.20
C SER F 10 26.09 -17.00 -5.26
N LYS F 11 24.78 -16.77 -5.30
CA LYS F 11 24.24 -15.43 -5.38
C LYS F 11 24.77 -14.55 -4.26
N PHE F 12 24.48 -14.90 -3.01
CA PHE F 12 24.93 -14.09 -1.88
C PHE F 12 26.41 -13.75 -1.95
N GLU F 13 27.21 -14.72 -2.34
CA GLU F 13 28.65 -14.54 -2.42
C GLU F 13 29.13 -13.71 -3.62
N ASN F 14 28.46 -13.86 -4.76
CA ASN F 14 28.83 -13.13 -5.96
C ASN F 14 28.03 -11.84 -6.14
N GLU F 15 26.71 -11.94 -5.94
CA GLU F 15 25.80 -10.81 -6.07
C GLU F 15 26.33 -9.56 -5.36
N GLU F 16 26.79 -8.58 -6.13
CA GLU F 16 27.32 -7.35 -5.55
C GLU F 16 26.48 -6.89 -4.38
N PHE F 17 25.22 -6.56 -4.65
CA PHE F 17 24.30 -6.10 -3.62
C PHE F 17 24.52 -6.76 -2.25
N PHE F 18 24.55 -8.10 -2.24
CA PHE F 18 24.74 -8.85 -1.02
C PHE F 18 26.10 -8.70 -0.41
N ARG F 19 27.12 -9.05 -1.17
CA ARG F 19 28.50 -8.96 -0.68
C ARG F 19 28.69 -7.63 0.04
N LYS F 20 28.41 -6.52 -0.65
CA LYS F 20 28.54 -5.19 -0.08
C LYS F 20 27.93 -5.09 1.31
N LEU F 21 26.85 -5.85 1.53
CA LEU F 21 26.15 -5.85 2.81
C LEU F 21 26.64 -6.96 3.73
N SER F 22 27.32 -7.93 3.14
CA SER F 22 27.86 -9.06 3.89
C SER F 22 28.87 -8.57 4.94
N ARG F 23 29.58 -7.49 4.61
CA ARG F 23 30.58 -6.89 5.49
C ARG F 23 30.06 -5.68 6.27
N GLU F 24 30.06 -5.77 7.60
CA GLU F 24 29.57 -4.70 8.48
C GLU F 24 29.66 -3.30 7.90
N CYS F 25 28.63 -2.51 8.14
CA CYS F 25 28.57 -1.14 7.66
C CYS F 25 27.63 -0.28 8.49
N GLU F 26 27.90 1.03 8.50
CA GLU F 26 27.12 1.98 9.26
C GLU F 26 25.63 1.86 9.00
N ILE F 27 24.86 1.66 10.07
CA ILE F 27 23.41 1.55 9.96
C ILE F 27 22.76 2.47 10.99
N LYS F 28 21.66 3.09 10.63
CA LYS F 28 20.97 3.99 11.56
C LYS F 28 19.50 3.65 11.69
N TYR F 29 18.93 3.96 12.85
CA TYR F 29 17.51 3.71 13.12
C TYR F 29 16.76 4.63 12.18
N THR F 30 15.54 4.26 11.81
CA THR F 30 14.76 5.08 10.91
C THR F 30 13.36 5.30 11.43
N GLY F 31 13.19 5.12 12.73
CA GLY F 31 11.88 5.32 13.32
C GLY F 31 11.45 6.77 13.19
N PHE F 32 10.41 7.14 13.91
CA PHE F 32 9.86 8.49 13.90
C PHE F 32 10.99 9.52 13.93
N ARG F 33 10.95 10.49 13.02
CA ARG F 33 11.96 11.54 12.95
C ARG F 33 11.29 12.87 13.24
N ASP F 34 10.01 12.80 13.57
CA ASP F 34 9.21 13.98 13.88
C ASP F 34 9.54 14.50 15.26
N ARG F 35 9.73 13.56 16.19
CA ARG F 35 10.02 13.88 17.58
C ARG F 35 11.50 13.99 17.87
N PRO F 36 11.92 15.04 18.60
CA PRO F 36 13.33 15.23 18.94
C PRO F 36 13.96 13.95 19.49
N HIS F 37 15.26 13.81 19.23
CA HIS F 37 16.04 12.63 19.64
C HIS F 37 15.45 11.87 20.82
N GLU F 38 15.12 12.60 21.88
CA GLU F 38 14.56 12.00 23.08
C GLU F 38 13.51 10.92 22.80
N GLU F 39 12.31 11.35 22.41
CA GLU F 39 11.22 10.41 22.15
C GLU F 39 11.68 9.19 21.34
N ARG F 40 12.50 9.46 20.33
CA ARG F 40 13.00 8.40 19.47
C ARG F 40 13.58 7.22 20.24
N GLN F 41 14.71 7.44 20.91
CA GLN F 41 15.35 6.39 21.67
C GLN F 41 14.31 5.69 22.53
N THR F 42 13.41 6.47 23.11
CA THR F 42 12.36 5.93 23.95
C THR F 42 11.53 4.97 23.11
N ARG F 43 11.22 5.42 21.89
CA ARG F 43 10.45 4.63 20.95
C ARG F 43 11.20 3.38 20.49
N PHE F 44 12.44 3.57 20.02
CA PHE F 44 13.27 2.47 19.56
C PHE F 44 13.34 1.39 20.63
N GLN F 45 13.92 1.75 21.77
CA GLN F 45 14.05 0.85 22.90
C GLN F 45 12.70 0.22 23.16
N ASN F 46 11.67 1.07 23.20
CA ASN F 46 10.31 0.64 23.43
C ASN F 46 9.93 -0.43 22.40
N ALA F 47 10.35 -0.20 21.15
CA ALA F 47 10.06 -1.13 20.06
C ALA F 47 10.88 -2.40 20.26
N CYS F 48 12.09 -2.24 20.80
CA CYS F 48 12.96 -3.38 21.08
C CYS F 48 12.21 -4.31 22.02
N ARG F 49 11.32 -3.72 22.81
CA ARG F 49 10.52 -4.48 23.75
C ARG F 49 9.60 -5.39 22.95
N ASP F 50 9.08 -4.87 21.83
CA ASP F 50 8.17 -5.64 20.98
C ASP F 50 8.88 -6.54 19.99
N GLY F 51 10.18 -6.34 19.82
CA GLY F 51 10.93 -7.14 18.89
C GLY F 51 10.77 -6.62 17.47
N ARG F 52 10.52 -5.32 17.37
CA ARG F 52 10.33 -4.68 16.07
C ARG F 52 11.22 -3.46 15.96
N SER F 53 12.06 -3.43 14.93
CA SER F 53 12.90 -2.29 14.71
C SER F 53 12.90 -2.03 13.22
N GLU F 54 13.19 -0.80 12.84
CA GLU F 54 13.17 -0.39 11.46
C GLU F 54 14.49 0.30 11.16
N ILE F 55 15.37 -0.39 10.45
CA ILE F 55 16.69 0.17 10.13
C ILE F 55 17.03 0.17 8.65
N ALA F 56 18.15 0.79 8.31
CA ALA F 56 18.60 0.88 6.92
C ALA F 56 20.09 1.19 6.81
N PHE F 57 20.76 0.50 5.89
CA PHE F 57 22.20 0.69 5.66
C PHE F 57 22.49 2.06 5.06
N VAL F 58 22.88 2.99 5.91
CA VAL F 58 23.18 4.36 5.48
C VAL F 58 24.00 4.41 4.21
N ALA F 59 24.93 3.48 4.08
CA ALA F 59 25.82 3.42 2.93
C ALA F 59 25.04 3.32 1.63
N THR F 60 24.53 2.12 1.34
CA THR F 60 23.78 1.84 0.13
C THR F 60 22.46 2.60 0.11
N GLY F 61 21.81 2.66 1.26
CA GLY F 61 20.53 3.34 1.38
C GLY F 61 19.44 2.32 1.56
N THR F 62 19.83 1.06 1.50
CA THR F 62 18.88 -0.03 1.61
C THR F 62 18.12 0.01 2.93
N ASN F 63 16.80 0.13 2.85
CA ASN F 63 15.93 0.15 4.04
C ASN F 63 15.44 -1.25 4.40
N LEU F 64 15.33 -1.54 5.69
CA LEU F 64 14.86 -2.84 6.16
C LEU F 64 14.10 -2.82 7.47
N SER F 65 13.02 -3.60 7.53
CA SER F 65 12.22 -3.70 8.74
C SER F 65 12.63 -5.03 9.35
N LEU F 66 13.05 -5.00 10.61
CA LEU F 66 13.50 -6.20 11.30
C LEU F 66 12.52 -6.74 12.32
N GLN F 67 12.41 -8.06 12.34
CA GLN F 67 11.54 -8.77 13.28
C GLN F 67 12.43 -9.80 13.94
N PHE F 68 12.50 -9.75 15.27
CA PHE F 68 13.38 -10.62 16.05
C PHE F 68 12.99 -12.05 16.46
N PHE F 69 11.80 -12.53 16.11
CA PHE F 69 11.43 -13.89 16.55
C PHE F 69 10.79 -14.81 15.52
N PRO F 70 11.39 -16.00 15.30
CA PRO F 70 10.84 -16.97 14.34
C PRO F 70 9.66 -17.73 14.95
N SER F 82 23.53 -17.23 13.13
CA SER F 82 23.56 -17.87 14.49
C SER F 82 22.14 -18.07 15.03
N ARG F 83 21.69 -17.18 15.91
CA ARG F 83 20.34 -17.30 16.49
C ARG F 83 19.53 -16.01 16.47
N GLU F 84 18.21 -16.18 16.43
CA GLU F 84 17.24 -15.09 16.42
C GLU F 84 17.05 -14.59 17.85
N TYR F 85 17.81 -13.58 18.23
CA TYR F 85 17.75 -13.07 19.59
C TYR F 85 18.13 -11.58 19.67
N VAL F 86 18.01 -11.01 20.86
CA VAL F 86 18.36 -9.62 21.10
C VAL F 86 19.09 -9.57 22.44
N ASP F 87 20.29 -9.01 22.45
CA ASP F 87 21.03 -8.95 23.70
C ASP F 87 21.12 -7.56 24.32
N LEU F 88 21.18 -7.55 25.64
CA LEU F 88 21.30 -6.33 26.41
C LEU F 88 22.30 -6.69 27.50
N GLU F 89 23.33 -5.85 27.64
CA GLU F 89 24.41 -6.02 28.63
C GLU F 89 25.74 -6.52 28.07
N ARG F 90 25.74 -7.18 26.91
CA ARG F 90 27.02 -7.63 26.33
C ARG F 90 27.89 -6.39 26.46
N GLU F 91 27.26 -5.27 26.16
CA GLU F 91 27.83 -3.94 26.27
C GLU F 91 26.58 -3.18 26.71
N ALA F 92 26.63 -2.64 27.92
CA ALA F 92 25.49 -1.93 28.49
C ALA F 92 25.15 -0.58 27.85
N GLY F 93 26.07 -0.07 27.04
CA GLY F 93 25.84 1.22 26.40
C GLY F 93 25.15 1.18 25.04
N LYS F 94 24.78 -0.03 24.60
CA LYS F 94 24.12 -0.20 23.31
C LYS F 94 23.28 -1.48 23.30
N VAL F 95 22.85 -1.90 22.12
CA VAL F 95 22.05 -3.12 21.98
C VAL F 95 22.47 -4.00 20.82
N TYR F 96 22.51 -5.31 21.07
CA TYR F 96 22.89 -6.28 20.06
C TYR F 96 21.64 -6.99 19.53
N LEU F 97 21.52 -7.03 18.20
CA LEU F 97 20.35 -7.64 17.59
C LEU F 97 20.68 -8.66 16.51
N LYS F 98 19.73 -9.56 16.29
CA LYS F 98 19.84 -10.60 15.29
C LYS F 98 18.42 -10.77 14.76
N ALA F 99 18.26 -10.72 13.44
CA ALA F 99 16.93 -10.87 12.86
C ALA F 99 16.92 -11.81 11.68
N PRO F 100 15.95 -12.74 11.66
CA PRO F 100 15.82 -13.70 10.56
C PRO F 100 15.28 -12.93 9.36
N MET F 101 15.56 -13.41 8.14
CA MET F 101 15.12 -12.68 6.95
C MET F 101 15.25 -13.49 5.66
N ILE F 102 14.54 -13.04 4.62
CA ILE F 102 14.62 -13.66 3.29
C ILE F 102 14.68 -12.52 2.28
N LEU F 103 15.83 -11.89 2.22
CA LEU F 103 16.07 -10.78 1.31
C LEU F 103 16.26 -11.27 -0.13
N ASN F 104 15.22 -11.14 -0.95
CA ASN F 104 15.25 -11.56 -2.34
C ASN F 104 15.43 -13.09 -2.51
N GLY F 105 14.70 -13.86 -1.71
CA GLY F 105 14.78 -15.30 -1.81
C GLY F 105 16.08 -15.97 -1.37
N VAL F 106 16.73 -15.37 -0.38
CA VAL F 106 17.97 -15.91 0.17
C VAL F 106 17.77 -15.81 1.68
N CYS F 107 17.44 -16.93 2.32
CA CYS F 107 17.22 -16.90 3.75
C CYS F 107 18.49 -16.37 4.41
N VAL F 108 18.31 -15.36 5.24
CA VAL F 108 19.43 -14.73 5.90
C VAL F 108 19.10 -14.38 7.34
N ILE F 109 20.12 -13.98 8.07
CA ILE F 109 20.00 -13.56 9.45
C ILE F 109 20.72 -12.22 9.53
N TRP F 110 20.01 -11.21 9.96
CA TRP F 110 20.57 -9.88 10.07
C TRP F 110 21.08 -9.64 11.46
N LYS F 111 22.36 -9.35 11.57
CA LYS F 111 22.97 -9.08 12.87
C LYS F 111 23.61 -7.70 12.89
N GLY F 112 23.63 -7.10 14.07
CA GLY F 112 24.23 -5.79 14.23
C GLY F 112 23.89 -5.20 15.57
N TRP F 113 24.54 -4.09 15.89
CA TRP F 113 24.32 -3.39 17.15
C TRP F 113 24.04 -1.93 16.89
N ILE F 114 23.37 -1.29 17.84
CA ILE F 114 23.03 0.13 17.73
C ILE F 114 23.33 0.75 19.07
N ASP F 115 23.91 1.95 19.08
CA ASP F 115 24.17 2.61 20.35
C ASP F 115 22.85 3.24 20.75
N LEU F 116 22.31 2.82 21.89
CA LEU F 116 21.02 3.32 22.37
C LEU F 116 20.97 4.82 22.66
N HIS F 117 22.08 5.51 22.41
CA HIS F 117 22.12 6.94 22.63
C HIS F 117 22.30 7.61 21.27
N ARG F 118 23.13 7.01 20.44
CA ARG F 118 23.41 7.53 19.10
C ARG F 118 22.30 7.12 18.13
N LEU F 119 21.74 5.94 18.37
CA LEU F 119 20.71 5.39 17.51
C LEU F 119 21.42 5.09 16.20
N ASP F 120 22.70 4.76 16.33
CA ASP F 120 23.57 4.44 15.21
C ASP F 120 24.33 3.15 15.55
N GLY F 121 24.61 2.35 14.54
CA GLY F 121 25.32 1.11 14.76
C GLY F 121 25.89 0.57 13.48
N MET F 122 26.16 -0.74 13.45
CA MET F 122 26.72 -1.37 12.27
C MET F 122 26.36 -2.86 12.25
N GLY F 123 25.75 -3.29 11.16
CA GLY F 123 25.34 -4.68 11.08
C GLY F 123 25.80 -5.39 9.82
N CYS F 124 25.57 -6.68 9.77
CA CYS F 124 25.95 -7.46 8.62
C CYS F 124 24.88 -8.46 8.23
N LEU F 125 24.89 -8.83 6.97
CA LEU F 125 23.97 -9.82 6.49
C LEU F 125 24.71 -11.11 6.76
N GLU F 126 24.04 -12.05 7.42
CA GLU F 126 24.66 -13.33 7.72
C GLU F 126 23.77 -14.40 7.15
N PHE F 127 24.12 -14.86 5.95
CA PHE F 127 23.32 -15.87 5.28
C PHE F 127 23.18 -17.17 6.04
N ASP F 128 22.02 -17.31 6.69
CA ASP F 128 21.65 -18.48 7.46
C ASP F 128 21.71 -19.71 6.57
N GLU F 129 22.66 -20.60 6.84
CA GLU F 129 22.84 -21.81 6.05
C GLU F 129 21.78 -22.87 6.37
N GLU F 130 21.45 -23.02 7.65
CA GLU F 130 20.44 -24.00 8.05
C GLU F 130 19.09 -23.68 7.41
N ARG F 131 18.71 -22.41 7.48
CA ARG F 131 17.46 -21.98 6.91
C ARG F 131 17.47 -22.14 5.40
N ALA F 132 18.58 -21.77 4.77
CA ALA F 132 18.74 -21.87 3.32
C ALA F 132 18.60 -23.30 2.82
N GLN F 133 19.17 -24.25 3.58
CA GLN F 133 19.10 -25.66 3.22
C GLN F 133 17.67 -26.16 3.42
N GLN F 134 17.07 -25.73 4.53
CA GLN F 134 15.71 -26.08 4.91
C GLN F 134 14.71 -25.61 3.86
N GLU F 135 14.78 -24.33 3.53
CA GLU F 135 13.88 -23.75 2.55
C GLU F 135 14.05 -24.46 1.20
N ASP F 136 15.30 -24.67 0.78
CA ASP F 136 15.58 -25.34 -0.49
C ASP F 136 14.88 -26.69 -0.58
N ALA F 137 14.92 -27.45 0.51
CA ALA F 137 14.30 -28.77 0.54
C ALA F 137 12.78 -28.67 0.57
N LEU F 138 12.26 -27.83 1.45
CA LEU F 138 10.82 -27.65 1.60
C LEU F 138 10.21 -27.06 0.32
N ALA F 139 11.04 -26.39 -0.47
CA ALA F 139 10.60 -25.78 -1.72
C ALA F 139 10.70 -26.74 -2.90
N GLN F 140 9.75 -26.61 -3.81
CA GLN F 140 9.68 -27.44 -5.01
C GLN F 140 8.72 -26.80 -6.03
AU AU G . 6.89 17.34 -1.12
AU AU H . 28.10 -7.72 13.05
AU AU I . 16.12 -1.86 24.38
#